data_4PM0
#
_entry.id   4PM0
#
_cell.length_a   116.187
_cell.length_b   116.187
_cell.length_c   64.458
_cell.angle_alpha   90.00
_cell.angle_beta   90.00
_cell.angle_gamma   120.00
#
_symmetry.space_group_name_H-M   'P 31 2 1'
#
loop_
_entity.id
_entity.type
_entity.pdbx_description
1 polymer "High affinity cAMP-specific 3',5'-cyclic phosphodiesterase 7A"
2 non-polymer 'ZINC ION'
3 non-polymer 'MAGNESIUM ION'
4 non-polymer 2-(cyclopentylamino)-3-ethyl-7-ethynylthieno[3,2-d]pyrimidin-4(3H)-one
5 water water
#
_entity_poly.entity_id   1
_entity_poly.type   'polypeptide(L)'
_entity_poly.pdbx_seq_one_letter_code
;GSGMKETAAAKPERQHMDSPDLGTDDDDKAMADIGSSNSLNILDDDYNGQAKCMLEKVGNWNFDIFLFDRLTNGNSLVSL
TFHLFSLHGLIEYFHLDMMKLRRFLVMIQEDYHSQNPYHNAVHAADVTQAMHCYLKEPKLANSVTPWDILLSLIAAATHD
LDHPGVNQPFLIKTNHYLATLYKNTSVLENHHWRSAVGLLRESGLFSHLPLESRQQMETQIGALILATDISRQNEYLSLF
RSHLDRGDLCLEDTRHRHLVLQMALKCADICNPCRTWELSKQWSEKVTEEFFHQGDIEKKYHLGVSPLCDRHTESIANIQ
IGFMTYLVEPLFTEWARFSNTRLSQTMLGHVGLNKASWKGLQREQSSSEDTDAAFELNSQLLPQENRLS
;
_entity_poly.pdbx_strand_id   A
#
loop_
_chem_comp.id
_chem_comp.type
_chem_comp.name
_chem_comp.formula
32V non-polymer 2-(cyclopentylamino)-3-ethyl-7-ethynylthieno[3,2-d]pyrimidin-4(3H)-one 'C15 H17 N3 O S'
MG non-polymer 'MAGNESIUM ION' 'Mg 2'
ZN non-polymer 'ZINC ION' 'Zn 2'
#
# COMPACT_ATOMS: atom_id res chain seq x y z
N ASP A 46 22.67 8.20 -19.05
CA ASP A 46 22.76 8.24 -17.56
C ASP A 46 21.44 7.84 -16.89
N TYR A 47 20.33 8.52 -17.27
CA TYR A 47 18.99 8.38 -16.64
C TYR A 47 18.41 6.94 -16.64
N ASN A 48 18.50 6.24 -17.77
CA ASN A 48 18.26 4.78 -17.83
C ASN A 48 19.34 3.96 -17.17
N GLY A 49 20.58 4.46 -17.24
CA GLY A 49 21.71 3.88 -16.51
C GLY A 49 21.44 3.81 -15.01
N GLN A 50 21.16 4.94 -14.38
CA GLN A 50 21.00 5.01 -12.92
C GLN A 50 19.75 4.28 -12.40
N ALA A 51 18.69 4.24 -13.22
CA ALA A 51 17.38 3.61 -12.90
C ALA A 51 17.55 2.11 -12.69
N LYS A 52 17.92 1.43 -13.80
CA LYS A 52 18.47 0.06 -13.84
C LYS A 52 19.36 -0.20 -12.62
N CYS A 53 20.25 0.73 -12.38
CA CYS A 53 21.17 0.61 -11.28
C CYS A 53 20.49 0.52 -9.90
N MET A 54 19.57 1.45 -9.62
CA MET A 54 18.85 1.51 -8.33
C MET A 54 18.04 0.24 -8.07
N LEU A 55 17.53 -0.39 -9.14
CA LEU A 55 16.77 -1.62 -9.00
C LEU A 55 17.59 -2.83 -8.45
N GLU A 56 18.93 -2.76 -8.56
CA GLU A 56 19.81 -3.69 -7.85
C GLU A 56 19.59 -3.65 -6.35
N LYS A 57 19.12 -2.51 -5.85
CA LYS A 57 18.87 -2.39 -4.42
C LYS A 57 17.37 -2.29 -4.04
N VAL A 58 16.48 -2.86 -4.86
CA VAL A 58 15.04 -2.86 -4.63
C VAL A 58 14.60 -3.62 -3.33
N GLY A 59 15.43 -4.59 -2.87
CA GLY A 59 15.30 -5.27 -1.54
C GLY A 59 15.73 -4.40 -0.33
N ASN A 60 16.16 -3.19 -0.58
CA ASN A 60 16.63 -2.35 0.49
C ASN A 60 15.52 -1.46 1.13
N TRP A 61 15.47 -1.44 2.46
CA TRP A 61 14.54 -0.59 3.17
C TRP A 61 14.70 0.92 2.92
N ASN A 62 15.90 1.34 2.54
CA ASN A 62 16.19 2.74 2.26
C ASN A 62 16.12 3.02 0.78
N PHE A 63 15.66 2.08 -0.07
CA PHE A 63 15.32 2.42 -1.47
C PHE A 63 14.65 3.82 -1.56
N ASP A 64 15.05 4.65 -2.50
CA ASP A 64 14.44 5.98 -2.69
C ASP A 64 13.45 6.03 -3.89
N ILE A 65 12.14 5.85 -3.63
CA ILE A 65 11.16 5.77 -4.71
C ILE A 65 11.00 7.14 -5.37
N PHE A 66 11.22 8.21 -4.63
CA PHE A 66 11.13 9.58 -5.23
C PHE A 66 12.14 9.81 -6.35
N LEU A 67 13.42 9.66 -6.01
CA LEU A 67 14.47 9.62 -7.03
C LEU A 67 14.07 8.64 -8.13
N PHE A 68 13.73 7.41 -7.78
CA PHE A 68 13.36 6.44 -8.84
C PHE A 68 12.30 6.96 -9.82
N ASP A 69 11.28 7.61 -9.30
CA ASP A 69 10.22 8.13 -10.16
C ASP A 69 10.69 9.34 -11.00
N ARG A 70 11.55 10.17 -10.42
CA ARG A 70 12.10 11.28 -11.23
C ARG A 70 12.98 10.66 -12.33
N LEU A 71 13.83 9.72 -11.95
CA LEU A 71 14.66 9.08 -12.97
C LEU A 71 13.90 8.49 -14.16
N THR A 72 12.66 7.99 -13.95
CA THR A 72 11.86 7.30 -15.00
C THR A 72 10.76 8.15 -15.62
N ASN A 73 10.86 9.50 -15.48
CA ASN A 73 9.79 10.40 -15.82
C ASN A 73 8.40 9.88 -15.46
N GLY A 74 8.25 9.40 -14.24
CA GLY A 74 6.93 9.14 -13.70
C GLY A 74 6.57 7.69 -13.98
N ASN A 75 7.52 6.84 -14.38
CA ASN A 75 7.21 5.44 -14.72
C ASN A 75 7.56 4.46 -13.59
N SER A 76 7.63 4.93 -12.32
CA SER A 76 8.14 4.10 -11.22
C SER A 76 7.30 2.84 -10.96
N LEU A 77 5.98 2.95 -10.99
CA LEU A 77 5.18 1.76 -10.66
C LEU A 77 5.34 0.69 -11.76
N VAL A 78 5.29 1.05 -13.03
CA VAL A 78 5.45 0.09 -14.11
C VAL A 78 6.86 -0.49 -14.03
N SER A 79 7.85 0.38 -13.88
CA SER A 79 9.18 -0.11 -14.05
C SER A 79 9.61 -0.99 -12.83
N LEU A 80 9.26 -0.56 -11.63
CA LEU A 80 9.50 -1.39 -10.42
C LEU A 80 8.70 -2.72 -10.48
N THR A 81 7.42 -2.66 -10.73
CA THR A 81 6.62 -3.87 -10.68
C THR A 81 7.06 -4.84 -11.75
N PHE A 82 7.43 -4.33 -12.94
CA PHE A 82 7.89 -5.21 -13.99
C PHE A 82 9.10 -5.93 -13.49
N HIS A 83 10.04 -5.18 -12.95
CA HIS A 83 11.28 -5.75 -12.41
C HIS A 83 11.02 -6.85 -11.37
N LEU A 84 10.04 -6.63 -10.49
CA LEU A 84 9.72 -7.61 -9.46
C LEU A 84 9.11 -8.91 -10.00
N PHE A 85 8.33 -8.81 -11.07
CA PHE A 85 7.71 -9.97 -11.69
C PHE A 85 8.87 -10.83 -12.23
N SER A 86 9.83 -10.15 -12.86
CA SER A 86 10.90 -10.88 -13.39
C SER A 86 11.86 -11.39 -12.25
N LEU A 87 12.21 -10.54 -11.28
CA LEU A 87 12.97 -11.01 -10.13
C LEU A 87 12.34 -12.20 -9.37
N HIS A 88 11.03 -12.19 -9.16
CA HIS A 88 10.43 -13.34 -8.47
C HIS A 88 10.13 -14.51 -9.41
N GLY A 89 10.48 -14.38 -10.68
CA GLY A 89 10.41 -15.52 -11.61
C GLY A 89 9.02 -15.72 -12.17
N LEU A 90 8.14 -14.73 -11.96
CA LEU A 90 6.71 -14.92 -12.27
C LEU A 90 6.35 -14.98 -13.74
N ILE A 91 7.15 -14.34 -14.60
CA ILE A 91 6.85 -14.30 -16.01
C ILE A 91 6.97 -15.76 -16.56
N GLU A 92 8.07 -16.42 -16.20
CA GLU A 92 8.22 -17.85 -16.51
C GLU A 92 7.20 -18.76 -15.78
N TYR A 93 7.06 -18.58 -14.46
CA TYR A 93 6.20 -19.49 -13.70
C TYR A 93 4.81 -19.46 -14.26
N PHE A 94 4.30 -18.28 -14.67
CA PHE A 94 2.93 -18.26 -15.19
C PHE A 94 2.81 -18.08 -16.73
N HIS A 95 3.92 -18.31 -17.41
CA HIS A 95 3.95 -18.22 -18.87
C HIS A 95 3.37 -16.87 -19.34
N LEU A 96 3.79 -15.75 -18.74
CA LEU A 96 3.20 -14.42 -19.01
C LEU A 96 3.72 -13.86 -20.32
N ASP A 97 2.81 -13.28 -21.09
CA ASP A 97 3.17 -12.48 -22.27
C ASP A 97 3.72 -11.10 -21.82
N MET A 98 5.02 -10.88 -22.01
CA MET A 98 5.60 -9.61 -21.53
C MET A 98 4.95 -8.34 -22.10
N MET A 99 4.32 -8.45 -23.29
CA MET A 99 3.69 -7.28 -23.91
C MET A 99 2.43 -7.01 -23.17
N LYS A 100 1.72 -8.09 -22.82
CA LYS A 100 0.49 -7.90 -22.05
C LYS A 100 0.74 -7.41 -20.64
N LEU A 101 1.86 -7.84 -20.07
CA LEU A 101 2.24 -7.43 -18.71
C LEU A 101 2.55 -5.92 -18.64
N ARG A 102 3.35 -5.43 -19.61
CA ARG A 102 3.63 -4.02 -19.67
C ARG A 102 2.28 -3.30 -19.87
N ARG A 103 1.43 -3.74 -20.79
CA ARG A 103 0.15 -3.02 -21.03
C ARG A 103 -0.65 -2.93 -19.71
N PHE A 104 -0.87 -4.09 -19.07
CA PHE A 104 -1.49 -4.20 -17.74
C PHE A 104 -0.91 -3.21 -16.72
N LEU A 105 0.40 -3.22 -16.56
CA LEU A 105 1.04 -2.33 -15.58
C LEU A 105 0.86 -0.86 -15.90
N VAL A 106 0.92 -0.55 -17.21
CA VAL A 106 0.69 0.84 -17.62
C VAL A 106 -0.77 1.28 -17.40
N MET A 107 -1.76 0.41 -17.65
CA MET A 107 -3.13 0.76 -17.38
C MET A 107 -3.34 1.07 -15.92
N ILE A 108 -2.72 0.28 -15.05
CA ILE A 108 -2.77 0.52 -13.59
C ILE A 108 -2.18 1.87 -13.25
N GLN A 109 -0.93 2.07 -13.66
CA GLN A 109 -0.23 3.31 -13.32
C GLN A 109 -0.98 4.56 -13.79
N GLU A 110 -1.51 4.48 -15.02
CA GLU A 110 -2.22 5.60 -15.59
C GLU A 110 -3.60 5.84 -14.95
N ASP A 111 -4.18 4.84 -14.29
CA ASP A 111 -5.45 5.07 -13.61
C ASP A 111 -5.31 5.64 -12.19
N TYR A 112 -4.07 5.84 -11.70
CA TYR A 112 -3.89 6.70 -10.55
C TYR A 112 -4.03 8.18 -10.95
N HIS A 113 -4.52 9.02 -10.04
CA HIS A 113 -4.65 10.45 -10.34
C HIS A 113 -3.34 11.15 -9.96
N SER A 114 -2.43 11.44 -10.91
CA SER A 114 -1.11 11.99 -10.51
C SER A 114 -1.18 13.38 -9.88
N GLN A 115 -2.33 14.01 -9.98
CA GLN A 115 -2.49 15.32 -9.39
C GLN A 115 -2.83 15.17 -7.90
N ASN A 116 -3.14 13.94 -7.41
CA ASN A 116 -3.25 13.79 -5.94
C ASN A 116 -1.88 14.01 -5.27
N PRO A 117 -1.82 14.83 -4.21
CA PRO A 117 -0.53 14.97 -3.57
C PRO A 117 0.02 13.63 -3.01
N TYR A 118 -0.86 12.78 -2.48
CA TYR A 118 -0.37 11.58 -1.83
C TYR A 118 -0.85 10.31 -2.55
N HIS A 119 -2.18 10.20 -2.75
CA HIS A 119 -2.74 8.98 -3.36
C HIS A 119 -2.56 8.90 -4.91
N ASN A 120 -1.32 8.66 -5.32
CA ASN A 120 -0.95 8.58 -6.74
C ASN A 120 -0.09 7.32 -6.98
N ALA A 121 0.39 7.11 -8.22
CA ALA A 121 1.12 5.88 -8.53
C ALA A 121 2.45 5.75 -7.80
N VAL A 122 3.06 6.87 -7.39
CA VAL A 122 4.31 6.79 -6.59
C VAL A 122 4.06 6.16 -5.22
N HIS A 123 2.92 6.48 -4.61
CA HIS A 123 2.54 5.79 -3.35
C HIS A 123 2.30 4.27 -3.61
N ALA A 124 1.60 3.93 -4.69
CA ALA A 124 1.42 2.52 -5.06
C ALA A 124 2.77 1.81 -5.20
N ALA A 125 3.71 2.46 -5.88
CA ALA A 125 4.99 1.87 -6.15
C ALA A 125 5.77 1.65 -4.85
N ASP A 126 5.70 2.62 -3.95
CA ASP A 126 6.22 2.52 -2.59
C ASP A 126 5.61 1.37 -1.79
N VAL A 127 4.31 1.22 -1.89
CA VAL A 127 3.68 0.14 -1.14
C VAL A 127 4.18 -1.19 -1.73
N THR A 128 4.27 -1.29 -3.06
CA THR A 128 4.71 -2.51 -3.72
C THR A 128 6.17 -2.84 -3.34
N GLN A 129 7.01 -1.79 -3.27
CA GLN A 129 8.38 -2.02 -2.87
C GLN A 129 8.47 -2.51 -1.43
N ALA A 130 7.68 -1.95 -0.51
CA ALA A 130 7.68 -2.46 0.85
C ALA A 130 7.21 -3.92 0.90
N MET A 131 6.13 -4.20 0.18
CA MET A 131 5.54 -5.57 0.17
C MET A 131 6.64 -6.55 -0.26
N HIS A 132 7.44 -6.10 -1.22
CA HIS A 132 8.57 -6.89 -1.66
C HIS A 132 9.58 -7.18 -0.53
N CYS A 133 9.95 -6.15 0.25
CA CYS A 133 10.79 -6.38 1.41
C CYS A 133 10.15 -7.36 2.41
N TYR A 134 8.82 -7.29 2.58
CA TYR A 134 8.21 -8.18 3.56
C TYR A 134 8.16 -9.63 3.02
N LEU A 135 7.97 -9.78 1.71
CA LEU A 135 7.91 -11.10 1.10
C LEU A 135 9.29 -11.82 1.23
N LYS A 136 10.37 -11.06 1.37
CA LYS A 136 11.73 -11.57 1.61
C LYS A 136 11.99 -11.99 3.10
N GLU A 137 11.10 -11.63 4.04
CA GLU A 137 11.28 -12.02 5.45
C GLU A 137 11.15 -13.54 5.45
N PRO A 138 11.99 -14.24 6.27
CA PRO A 138 12.09 -15.74 6.25
C PRO A 138 10.78 -16.54 6.39
N LYS A 139 9.89 -16.10 7.26
CA LYS A 139 8.68 -16.85 7.47
C LYS A 139 7.77 -16.73 6.26
N LEU A 140 7.87 -15.59 5.56
CA LEU A 140 7.13 -15.50 4.34
C LEU A 140 7.90 -16.12 3.20
N ALA A 141 9.19 -15.82 3.07
CA ALA A 141 9.92 -16.36 1.91
C ALA A 141 9.83 -17.89 1.93
N ASN A 142 9.75 -18.49 3.14
CA ASN A 142 9.70 -19.99 3.22
C ASN A 142 8.36 -20.66 3.07
N SER A 143 7.29 -19.88 2.95
CA SER A 143 5.98 -20.51 2.77
C SER A 143 5.20 -20.04 1.57
N VAL A 144 5.51 -18.82 1.04
CA VAL A 144 4.70 -18.26 -0.03
C VAL A 144 4.95 -19.03 -1.31
N THR A 145 3.92 -19.22 -2.11
CA THR A 145 4.09 -19.78 -3.44
C THR A 145 4.19 -18.64 -4.49
N PRO A 146 4.61 -18.99 -5.73
CA PRO A 146 4.64 -17.99 -6.78
C PRO A 146 3.27 -17.36 -6.96
N TRP A 147 2.19 -18.14 -6.84
CA TRP A 147 0.86 -17.58 -6.87
C TRP A 147 0.62 -16.51 -5.78
N ASP A 148 1.06 -16.74 -4.53
CA ASP A 148 0.91 -15.74 -3.49
C ASP A 148 1.67 -14.48 -3.82
N ILE A 149 2.89 -14.65 -4.36
CA ILE A 149 3.74 -13.47 -4.64
C ILE A 149 3.03 -12.63 -5.71
N LEU A 150 2.57 -13.32 -6.75
CA LEU A 150 1.87 -12.65 -7.85
C LEU A 150 0.67 -11.82 -7.33
N LEU A 151 -0.16 -12.42 -6.46
CA LEU A 151 -1.35 -11.72 -5.99
C LEU A 151 -0.96 -10.56 -5.04
N SER A 152 0.11 -10.74 -4.27
CA SER A 152 0.55 -9.70 -3.31
C SER A 152 0.99 -8.48 -4.07
N LEU A 153 1.82 -8.69 -5.08
CA LEU A 153 2.38 -7.57 -5.80
C LEU A 153 1.27 -6.92 -6.65
N ILE A 154 0.37 -7.70 -7.26
CA ILE A 154 -0.74 -7.06 -7.95
C ILE A 154 -1.62 -6.26 -7.02
N ALA A 155 -1.94 -6.82 -5.84
CA ALA A 155 -2.76 -6.14 -4.90
C ALA A 155 -2.01 -4.87 -4.45
N ALA A 156 -0.73 -4.96 -4.16
CA ALA A 156 -0.04 -3.75 -3.70
C ALA A 156 -0.11 -2.67 -4.78
N ALA A 157 0.08 -3.09 -6.03
CA ALA A 157 0.18 -2.08 -7.12
C ALA A 157 -1.17 -1.41 -7.35
N THR A 158 -2.24 -2.19 -7.12
CA THR A 158 -3.57 -1.68 -7.44
C THR A 158 -4.36 -1.20 -6.22
N HIS A 159 -3.78 -1.24 -5.02
CA HIS A 159 -4.60 -1.14 -3.85
C HIS A 159 -5.25 0.21 -3.66
N ASP A 160 -4.76 1.31 -4.28
CA ASP A 160 -5.43 2.63 -4.19
C ASP A 160 -5.88 3.15 -5.58
N LEU A 161 -6.12 2.21 -6.50
CA LEU A 161 -6.37 2.52 -7.90
C LEU A 161 -7.51 3.51 -8.05
N ASP A 162 -7.27 4.60 -8.78
CA ASP A 162 -8.32 5.52 -9.14
C ASP A 162 -8.88 6.23 -7.87
N HIS A 163 -8.00 6.46 -6.91
CA HIS A 163 -8.36 7.11 -5.65
C HIS A 163 -8.62 8.61 -5.95
N PRO A 164 -9.79 9.13 -5.47
CA PRO A 164 -10.20 10.50 -5.80
C PRO A 164 -9.49 11.55 -4.95
N GLY A 165 -8.72 11.16 -3.93
CA GLY A 165 -7.99 12.14 -3.14
C GLY A 165 -8.82 12.69 -1.96
N VAL A 166 -9.95 12.03 -1.65
CA VAL A 166 -10.78 12.46 -0.52
C VAL A 166 -11.23 11.14 0.07
N ASN A 167 -11.62 11.16 1.35
CA ASN A 167 -11.88 9.89 2.08
C ASN A 167 -13.32 9.42 2.07
N GLN A 168 -13.56 8.28 2.69
CA GLN A 168 -14.87 7.67 2.72
C GLN A 168 -15.93 8.59 3.38
N PRO A 169 -15.67 9.17 4.58
CA PRO A 169 -16.74 10.04 5.16
C PRO A 169 -17.16 11.18 4.22
N PHE A 170 -16.20 11.77 3.52
CA PHE A 170 -16.46 12.77 2.55
C PHE A 170 -17.38 12.28 1.43
N LEU A 171 -17.07 11.12 0.82
CA LEU A 171 -17.91 10.58 -0.29
C LEU A 171 -19.34 10.25 0.21
N ILE A 172 -19.40 9.75 1.45
CA ILE A 172 -20.71 9.44 2.04
C ILE A 172 -21.53 10.74 2.24
N LYS A 173 -20.96 11.75 2.89
CA LYS A 173 -21.75 12.94 3.17
C LYS A 173 -22.10 13.78 1.92
N THR A 174 -21.41 13.58 0.78
CA THR A 174 -21.72 14.29 -0.47
C THR A 174 -22.53 13.39 -1.41
N ASN A 175 -22.97 12.24 -0.89
CA ASN A 175 -23.80 11.33 -1.66
C ASN A 175 -23.13 10.90 -2.92
N HIS A 176 -21.84 10.67 -2.85
CA HIS A 176 -21.13 10.24 -4.07
C HIS A 176 -21.68 8.91 -4.58
N TYR A 177 -21.74 8.67 -5.89
CA TYR A 177 -22.29 7.34 -6.35
C TYR A 177 -21.52 6.10 -5.82
N LEU A 178 -20.19 6.21 -5.57
CA LEU A 178 -19.43 5.08 -4.98
C LEU A 178 -19.93 4.66 -3.62
N ALA A 179 -20.30 5.65 -2.78
CA ALA A 179 -20.82 5.35 -1.42
C ALA A 179 -22.13 4.56 -1.48
N THR A 180 -23.02 4.95 -2.40
CA THR A 180 -24.24 4.16 -2.77
C THR A 180 -23.91 2.79 -3.29
N LEU A 181 -23.11 2.77 -4.36
CA LEU A 181 -22.73 1.50 -4.94
C LEU A 181 -22.20 0.56 -3.87
N TYR A 182 -21.40 1.04 -2.91
CA TYR A 182 -20.81 0.05 -1.98
C TYR A 182 -21.39 0.12 -0.58
N LYS A 183 -22.55 0.75 -0.50
CA LYS A 183 -23.33 0.79 0.77
C LYS A 183 -22.56 1.30 1.97
N ASN A 184 -21.84 2.39 1.77
CA ASN A 184 -21.06 2.99 2.84
C ASN A 184 -20.03 2.15 3.58
N THR A 185 -19.59 1.03 2.99
CA THR A 185 -18.67 0.13 3.69
C THR A 185 -17.44 -0.06 2.81
N SER A 186 -16.28 0.34 3.34
CA SER A 186 -14.99 0.19 2.66
C SER A 186 -15.21 0.67 1.21
N VAL A 187 -15.81 1.86 1.07
CA VAL A 187 -16.23 2.39 -0.21
C VAL A 187 -14.98 2.47 -1.13
N LEU A 188 -13.90 3.09 -0.65
CA LEU A 188 -12.79 3.33 -1.55
C LEU A 188 -12.11 2.01 -1.92
N GLU A 189 -11.87 1.15 -0.93
CA GLU A 189 -11.21 -0.17 -1.15
C GLU A 189 -12.00 -1.04 -2.12
N ASN A 190 -13.34 -1.10 -1.98
CA ASN A 190 -14.16 -1.78 -2.96
C ASN A 190 -14.02 -1.18 -4.35
N HIS A 191 -13.97 0.15 -4.41
CA HIS A 191 -13.70 0.79 -5.72
C HIS A 191 -12.31 0.44 -6.31
N HIS A 192 -11.24 0.54 -5.53
CA HIS A 192 -9.89 0.12 -6.02
C HIS A 192 -9.94 -1.34 -6.46
N TRP A 193 -10.57 -2.19 -5.67
CA TRP A 193 -10.61 -3.60 -6.02
C TRP A 193 -11.40 -3.90 -7.33
N ARG A 194 -12.60 -3.33 -7.46
CA ARG A 194 -13.37 -3.57 -8.68
C ARG A 194 -12.72 -2.91 -9.89
N SER A 195 -12.02 -1.78 -9.70
CA SER A 195 -11.24 -1.18 -10.77
C SER A 195 -10.09 -2.13 -11.16
N ALA A 196 -9.39 -2.71 -10.16
CA ALA A 196 -8.33 -3.68 -10.45
C ALA A 196 -8.87 -4.89 -11.24
N VAL A 197 -10.04 -5.41 -10.85
CA VAL A 197 -10.67 -6.52 -11.54
C VAL A 197 -10.93 -6.13 -13.00
N GLY A 198 -11.45 -4.92 -13.19
CA GLY A 198 -11.72 -4.42 -14.54
C GLY A 198 -10.43 -4.43 -15.35
N LEU A 199 -9.30 -4.01 -14.78
CA LEU A 199 -8.04 -4.00 -15.57
C LEU A 199 -7.48 -5.37 -15.83
N LEU A 200 -7.57 -6.26 -14.84
CA LEU A 200 -7.23 -7.65 -15.03
C LEU A 200 -7.99 -8.25 -16.20
N ARG A 201 -9.31 -8.09 -16.20
CA ARG A 201 -10.11 -8.65 -17.33
C ARG A 201 -9.73 -8.00 -18.66
N GLU A 202 -9.58 -6.69 -18.66
CA GLU A 202 -9.34 -5.98 -19.89
C GLU A 202 -7.96 -6.33 -20.51
N SER A 203 -6.93 -6.56 -19.68
CA SER A 203 -5.59 -6.81 -20.15
C SER A 203 -5.44 -8.24 -20.78
N GLY A 204 -6.27 -9.21 -20.42
CA GLY A 204 -6.06 -10.57 -20.95
C GLY A 204 -4.80 -11.24 -20.42
N LEU A 205 -4.14 -10.64 -19.42
CA LEU A 205 -2.83 -11.14 -18.98
C LEU A 205 -2.92 -12.59 -18.49
N PHE A 206 -4.04 -12.97 -17.88
CA PHE A 206 -4.16 -14.33 -17.37
C PHE A 206 -5.19 -15.15 -18.15
N SER A 207 -5.43 -14.73 -19.41
CA SER A 207 -6.47 -15.36 -20.19
C SER A 207 -6.18 -16.86 -20.46
N HIS A 208 -4.92 -17.27 -20.43
CA HIS A 208 -4.57 -18.70 -20.68
C HIS A 208 -4.77 -19.57 -19.40
N LEU A 209 -4.98 -18.95 -18.22
CA LEU A 209 -5.32 -19.72 -17.02
C LEU A 209 -6.83 -20.05 -16.95
N PRO A 210 -7.20 -21.15 -16.26
CA PRO A 210 -8.62 -21.46 -16.06
C PRO A 210 -9.44 -20.27 -15.52
N LEU A 211 -10.66 -20.17 -15.98
CA LEU A 211 -11.61 -19.20 -15.44
C LEU A 211 -11.65 -19.24 -13.91
N GLU A 212 -11.78 -20.44 -13.33
CA GLU A 212 -11.84 -20.54 -11.85
C GLU A 212 -10.59 -19.98 -11.12
N SER A 213 -9.41 -20.08 -11.72
CA SER A 213 -8.23 -19.42 -11.21
C SER A 213 -8.30 -17.90 -11.35
N ARG A 214 -8.83 -17.40 -12.46
CA ARG A 214 -9.03 -15.97 -12.63
C ARG A 214 -9.97 -15.41 -11.55
N GLN A 215 -11.09 -16.09 -11.31
CA GLN A 215 -12.04 -15.72 -10.30
C GLN A 215 -11.41 -15.79 -8.91
N GLN A 216 -10.58 -16.80 -8.67
CA GLN A 216 -9.99 -16.93 -7.36
C GLN A 216 -8.97 -15.77 -7.15
N MET A 217 -8.26 -15.45 -8.21
CA MET A 217 -7.30 -14.34 -8.20
C MET A 217 -8.06 -13.07 -7.83
N GLU A 218 -9.19 -12.83 -8.52
CA GLU A 218 -9.97 -11.66 -8.20
C GLU A 218 -10.35 -11.61 -6.72
N THR A 219 -10.77 -12.75 -6.15
CA THR A 219 -11.33 -12.80 -4.84
C THR A 219 -10.19 -12.61 -3.81
N GLN A 220 -9.06 -13.26 -4.03
CA GLN A 220 -7.97 -13.13 -3.05
C GLN A 220 -7.33 -11.73 -3.07
N ILE A 221 -7.21 -11.13 -4.26
CA ILE A 221 -6.80 -9.71 -4.37
C ILE A 221 -7.75 -8.76 -3.62
N GLY A 222 -9.06 -8.98 -3.77
CA GLY A 222 -10.04 -8.23 -3.04
C GLY A 222 -9.83 -8.33 -1.53
N ALA A 223 -9.60 -9.54 -1.02
CA ALA A 223 -9.40 -9.66 0.42
C ALA A 223 -8.10 -8.88 0.88
N LEU A 224 -7.08 -8.89 0.05
CA LEU A 224 -5.85 -8.14 0.33
C LEU A 224 -6.16 -6.66 0.31
N ILE A 225 -6.75 -6.14 -0.76
CA ILE A 225 -7.04 -4.66 -0.84
C ILE A 225 -8.01 -4.22 0.26
N LEU A 226 -9.07 -4.98 0.51
CA LEU A 226 -10.08 -4.60 1.54
C LEU A 226 -9.39 -4.46 2.94
N ALA A 227 -8.32 -5.25 3.19
CA ALA A 227 -7.59 -5.19 4.49
C ALA A 227 -6.98 -3.80 4.68
N THR A 228 -6.79 -3.03 3.59
CA THR A 228 -6.20 -1.67 3.71
C THR A 228 -7.20 -0.62 4.14
N ASP A 229 -8.44 -1.01 4.41
CA ASP A 229 -9.39 -0.02 4.97
C ASP A 229 -8.97 0.30 6.43
N ILE A 230 -8.27 1.42 6.62
CA ILE A 230 -7.70 1.77 7.92
C ILE A 230 -8.80 1.92 9.00
N SER A 231 -10.00 2.31 8.59
CA SER A 231 -11.16 2.40 9.54
C SER A 231 -11.50 1.04 10.17
N ARG A 232 -11.00 -0.05 9.61
CA ARG A 232 -11.26 -1.34 10.23
C ARG A 232 -9.99 -1.99 10.77
N GLN A 233 -8.93 -1.23 11.00
CA GLN A 233 -7.65 -1.84 11.49
C GLN A 233 -7.84 -2.60 12.82
N ASN A 234 -8.67 -2.09 13.71
CA ASN A 234 -9.00 -2.82 14.96
C ASN A 234 -9.49 -4.28 14.79
N GLU A 235 -10.31 -4.55 13.78
CA GLU A 235 -10.74 -5.92 13.52
C GLU A 235 -9.56 -6.75 13.03
N TYR A 236 -8.78 -6.24 12.09
CA TYR A 236 -7.62 -7.00 11.58
C TYR A 236 -6.55 -7.19 12.63
N LEU A 237 -6.19 -6.09 13.31
CA LEU A 237 -5.14 -6.17 14.34
C LEU A 237 -5.55 -7.09 15.53
N SER A 238 -6.76 -6.98 16.05
CA SER A 238 -7.19 -7.92 17.17
C SER A 238 -7.13 -9.38 16.80
N LEU A 239 -7.53 -9.71 15.57
CA LEU A 239 -7.49 -11.13 15.11
C LEU A 239 -6.05 -11.59 14.94
N PHE A 240 -5.23 -10.73 14.36
CA PHE A 240 -3.84 -11.05 14.19
C PHE A 240 -3.15 -11.24 15.57
N ARG A 241 -3.33 -10.27 16.46
CA ARG A 241 -2.81 -10.34 17.85
C ARG A 241 -3.29 -11.62 18.56
N SER A 242 -4.57 -12.03 18.42
CA SER A 242 -5.03 -13.30 19.08
C SER A 242 -4.37 -14.49 18.52
N HIS A 243 -4.14 -14.50 17.18
CA HIS A 243 -3.38 -15.61 16.61
C HIS A 243 -1.96 -15.64 17.13
N LEU A 244 -1.34 -14.48 17.26
CA LEU A 244 0.02 -14.44 17.81
C LEU A 244 0.05 -14.85 19.32
N ASP A 245 -0.96 -14.48 20.11
CA ASP A 245 -1.02 -14.94 21.52
C ASP A 245 -1.09 -16.45 21.62
N ARG A 246 -2.03 -17.02 20.83
CA ARG A 246 -2.17 -18.46 20.77
C ARG A 246 -0.98 -19.15 20.11
N GLY A 247 -0.18 -18.48 19.31
CA GLY A 247 0.89 -19.22 18.62
C GLY A 247 0.33 -20.23 17.59
N ASP A 248 -0.92 -20.05 17.11
CA ASP A 248 -1.53 -21.11 16.29
C ASP A 248 -1.36 -20.94 14.77
N LEU A 249 -0.56 -19.98 14.30
CA LEU A 249 -0.47 -19.73 12.83
C LEU A 249 0.29 -20.83 12.11
N CYS A 250 -0.33 -21.40 11.08
CA CYS A 250 0.33 -22.42 10.28
C CYS A 250 0.53 -21.89 8.83
N LEU A 251 1.74 -21.46 8.50
CA LEU A 251 1.98 -20.75 7.23
C LEU A 251 1.83 -21.65 5.96
N GLU A 252 1.82 -22.99 6.15
CA GLU A 252 1.54 -23.95 5.05
C GLU A 252 0.05 -24.12 4.78
N ASP A 253 -0.75 -23.52 5.65
CA ASP A 253 -2.16 -23.34 5.37
C ASP A 253 -2.42 -22.01 4.67
N THR A 254 -3.17 -22.06 3.56
CA THR A 254 -3.36 -20.89 2.74
C THR A 254 -4.10 -19.80 3.43
N ARG A 255 -5.06 -20.19 4.28
CA ARG A 255 -5.92 -19.19 4.94
C ARG A 255 -5.08 -18.39 5.94
N HIS A 256 -4.28 -19.07 6.74
CA HIS A 256 -3.40 -18.41 7.72
C HIS A 256 -2.34 -17.58 6.97
N ARG A 257 -1.82 -18.12 5.88
CA ARG A 257 -0.80 -17.40 5.14
C ARG A 257 -1.40 -16.15 4.52
N HIS A 258 -2.64 -16.20 4.08
CA HIS A 258 -3.26 -15.03 3.49
C HIS A 258 -3.67 -14.01 4.50
N LEU A 259 -3.96 -14.44 5.73
CA LEU A 259 -4.19 -13.49 6.82
C LEU A 259 -2.90 -12.67 7.09
N VAL A 260 -1.77 -13.37 7.04
CA VAL A 260 -0.50 -12.74 7.28
C VAL A 260 -0.16 -11.82 6.11
N LEU A 261 -0.46 -12.27 4.88
CA LEU A 261 -0.20 -11.38 3.72
C LEU A 261 -1.03 -10.08 3.78
N GLN A 262 -2.27 -10.21 4.23
CA GLN A 262 -3.13 -9.05 4.51
C GLN A 262 -2.51 -8.08 5.54
N MET A 263 -1.93 -8.63 6.65
CA MET A 263 -1.25 -7.80 7.66
C MET A 263 -0.01 -7.21 7.02
N ALA A 264 0.69 -7.96 6.13
CA ALA A 264 1.89 -7.40 5.47
C ALA A 264 1.51 -6.23 4.59
N LEU A 265 0.41 -6.37 3.84
CA LEU A 265 -0.02 -5.27 2.97
C LEU A 265 -0.46 -4.05 3.83
N LYS A 266 -1.10 -4.29 4.97
CA LYS A 266 -1.50 -3.21 5.86
C LYS A 266 -0.26 -2.45 6.35
N CYS A 267 0.83 -3.19 6.60
CA CYS A 267 2.14 -2.61 7.01
C CYS A 267 2.71 -1.79 5.88
N ALA A 268 2.74 -2.39 4.68
CA ALA A 268 3.25 -1.70 3.49
C ALA A 268 2.52 -0.41 3.29
N ASP A 269 1.21 -0.41 3.55
CA ASP A 269 0.41 0.80 3.30
C ASP A 269 0.68 1.94 4.28
N ILE A 270 1.06 1.64 5.52
CA ILE A 270 1.28 2.70 6.47
C ILE A 270 2.71 2.67 6.99
N CYS A 271 3.65 2.13 6.21
CA CYS A 271 5.07 2.10 6.66
C CYS A 271 5.82 3.40 6.38
N ASN A 272 5.19 4.45 5.83
CA ASN A 272 5.90 5.75 5.67
C ASN A 272 6.71 6.17 6.95
N PRO A 273 6.09 6.16 8.15
CA PRO A 273 6.87 6.63 9.32
C PRO A 273 7.98 5.65 9.72
N CYS A 274 8.02 4.44 9.13
CA CYS A 274 9.06 3.47 9.40
C CYS A 274 10.19 3.61 8.39
N ARG A 275 10.10 4.58 7.50
CA ARG A 275 11.23 4.82 6.65
C ARG A 275 12.20 5.82 7.38
N THR A 276 13.36 6.00 6.77
CA THR A 276 14.26 7.03 7.13
C THR A 276 13.56 8.39 7.16
N TRP A 277 14.02 9.26 8.07
CA TRP A 277 13.44 10.55 8.24
C TRP A 277 13.27 11.28 6.92
N GLU A 278 14.22 11.12 6.01
CA GLU A 278 14.20 11.98 4.86
C GLU A 278 13.06 11.54 3.89
N LEU A 279 12.80 10.22 3.85
CA LEU A 279 11.59 9.74 3.14
C LEU A 279 10.28 10.08 3.89
N SER A 280 10.27 9.78 5.19
CA SER A 280 9.05 9.88 5.99
C SER A 280 8.49 11.32 5.99
N LYS A 281 9.42 12.30 6.05
CA LYS A 281 9.08 13.74 6.04
C LYS A 281 8.42 14.11 4.72
N GLN A 282 8.95 13.64 3.57
CA GLN A 282 8.27 13.88 2.29
C GLN A 282 6.83 13.26 2.28
N TRP A 283 6.70 12.00 2.74
CA TRP A 283 5.38 11.37 2.78
C TRP A 283 4.43 12.13 3.67
N SER A 284 4.92 12.63 4.81
CA SER A 284 4.07 13.39 5.76
C SER A 284 3.54 14.73 5.22
N GLU A 285 4.35 15.39 4.37
CA GLU A 285 3.97 16.69 3.81
C GLU A 285 2.95 16.44 2.72
N LYS A 286 3.21 15.42 1.91
CA LYS A 286 2.22 15.05 0.89
C LYS A 286 0.87 14.58 1.44
N VAL A 287 0.86 13.75 2.48
CA VAL A 287 -0.42 13.25 3.01
C VAL A 287 -1.18 14.42 3.64
N THR A 288 -0.44 15.31 4.31
CA THR A 288 -1.06 16.46 4.96
C THR A 288 -1.55 17.41 3.94
N GLU A 289 -0.76 17.62 2.88
CA GLU A 289 -1.26 18.43 1.82
C GLU A 289 -2.61 17.94 1.23
N GLU A 290 -2.75 16.64 1.04
CA GLU A 290 -4.01 16.09 0.54
C GLU A 290 -5.17 16.22 1.54
N PHE A 291 -4.90 15.90 2.82
CA PHE A 291 -5.94 16.04 3.84
C PHE A 291 -6.45 17.52 3.89
N PHE A 292 -5.49 18.43 3.94
CA PHE A 292 -5.81 19.86 4.06
C PHE A 292 -6.60 20.37 2.86
N HIS A 293 -6.33 19.82 1.67
CA HIS A 293 -7.08 20.21 0.49
C HIS A 293 -8.56 19.76 0.65
N GLN A 294 -8.76 18.55 1.16
CA GLN A 294 -10.12 18.06 1.41
C GLN A 294 -10.82 19.04 2.40
N GLY A 295 -10.10 19.38 3.48
CA GLY A 295 -10.50 20.44 4.44
C GLY A 295 -10.91 21.74 3.80
N ASP A 296 -10.14 22.24 2.83
CA ASP A 296 -10.50 23.52 2.18
C ASP A 296 -11.81 23.39 1.41
N ILE A 297 -12.04 22.25 0.78
CA ILE A 297 -13.30 22.06 0.08
C ILE A 297 -14.45 22.01 1.11
N GLU A 298 -14.24 21.30 2.21
CA GLU A 298 -15.30 21.16 3.20
C GLU A 298 -15.68 22.54 3.76
N LYS A 299 -14.66 23.36 3.99
CA LYS A 299 -14.85 24.69 4.51
C LYS A 299 -15.56 25.57 3.46
N LYS A 300 -15.06 25.54 2.23
CA LYS A 300 -15.57 26.42 1.17
C LYS A 300 -17.04 26.15 0.93
N TYR A 301 -17.42 24.87 1.05
CA TYR A 301 -18.76 24.47 0.65
C TYR A 301 -19.67 24.09 1.82
N HIS A 302 -19.29 24.39 3.06
CA HIS A 302 -20.10 24.15 4.27
C HIS A 302 -20.47 22.67 4.39
N LEU A 303 -19.45 21.81 4.32
CA LEU A 303 -19.66 20.37 4.38
C LEU A 303 -19.40 19.82 5.76
N GLY A 304 -18.80 20.64 6.63
CA GLY A 304 -18.22 20.14 7.92
C GLY A 304 -16.74 19.72 7.68
N VAL A 305 -15.80 20.27 8.42
CA VAL A 305 -14.39 19.92 8.20
C VAL A 305 -14.06 18.61 8.91
N SER A 306 -13.59 17.63 8.15
CA SER A 306 -13.27 16.32 8.69
C SER A 306 -12.16 16.40 9.70
N PRO A 307 -12.11 15.43 10.63
CA PRO A 307 -10.91 15.37 11.53
C PRO A 307 -9.59 15.29 10.66
N LEU A 308 -8.56 16.02 11.09
CA LEU A 308 -7.27 16.00 10.42
C LEU A 308 -7.17 16.83 9.16
N CYS A 309 -8.25 17.48 8.70
CA CYS A 309 -8.23 18.19 7.41
C CYS A 309 -8.26 19.70 7.55
N ASP A 310 -8.21 20.20 8.78
CA ASP A 310 -8.34 21.65 8.99
C ASP A 310 -6.97 22.27 9.09
N ARG A 311 -6.52 23.00 8.08
CA ARG A 311 -5.15 23.56 8.14
C ARG A 311 -5.00 24.66 9.22
N HIS A 312 -6.11 25.17 9.77
CA HIS A 312 -6.10 26.33 10.69
C HIS A 312 -5.98 25.86 12.14
N THR A 313 -6.47 24.68 12.44
CA THR A 313 -6.43 24.22 13.80
C THR A 313 -5.56 22.97 13.93
N GLU A 314 -4.92 22.55 12.84
CA GLU A 314 -4.16 21.30 12.87
C GLU A 314 -2.77 21.44 12.22
N SER A 315 -1.91 20.58 12.72
CA SER A 315 -0.48 20.70 12.50
C SER A 315 0.05 19.41 11.89
N ILE A 316 0.98 19.52 10.93
CA ILE A 316 1.65 18.38 10.40
C ILE A 316 2.30 17.47 11.46
N ALA A 317 2.89 18.07 12.50
CA ALA A 317 3.62 17.31 13.49
C ALA A 317 2.66 16.57 14.41
N ASN A 318 1.59 17.23 14.81
CA ASN A 318 0.62 16.63 15.69
C ASN A 318 -0.14 15.48 15.05
N ILE A 319 -0.44 15.67 13.76
CA ILE A 319 -1.10 14.66 12.96
C ILE A 319 -0.20 13.42 12.85
N GLN A 320 1.08 13.59 12.52
CA GLN A 320 1.99 12.43 12.48
C GLN A 320 2.12 11.73 13.83
N ILE A 321 2.22 12.51 14.90
CA ILE A 321 2.45 11.94 16.24
C ILE A 321 1.33 11.05 16.71
N GLY A 322 0.10 11.54 16.63
CA GLY A 322 -1.11 10.74 16.94
C GLY A 322 -1.18 9.45 16.08
N PHE A 323 -1.00 9.62 14.79
CA PHE A 323 -1.00 8.49 13.84
C PHE A 323 0.05 7.43 14.19
N MET A 324 1.27 7.86 14.48
CA MET A 324 2.31 6.93 14.89
C MET A 324 1.96 6.24 16.23
N THR A 325 1.44 6.99 17.18
CA THR A 325 1.20 6.38 18.51
C THR A 325 0.07 5.33 18.33
N TYR A 326 -1.02 5.74 17.67
CA TYR A 326 -2.25 4.98 17.75
C TYR A 326 -2.49 3.99 16.60
N LEU A 327 -1.97 4.26 15.41
CA LEU A 327 -2.11 3.32 14.26
C LEU A 327 -0.80 2.59 13.89
N VAL A 328 0.29 3.35 13.73
CA VAL A 328 1.56 2.75 13.29
C VAL A 328 2.15 1.81 14.36
N GLU A 329 2.38 2.31 15.57
CA GLU A 329 3.13 1.49 16.54
C GLU A 329 2.39 0.22 16.92
N PRO A 330 1.06 0.27 17.10
CA PRO A 330 0.40 -1.01 17.43
C PRO A 330 0.52 -2.05 16.31
N LEU A 331 0.31 -1.66 15.05
CA LEU A 331 0.43 -2.64 13.94
C LEU A 331 1.86 -3.18 13.81
N PHE A 332 2.85 -2.29 13.80
CA PHE A 332 4.24 -2.76 13.67
C PHE A 332 4.79 -3.53 14.90
N THR A 333 4.25 -3.25 16.09
CA THR A 333 4.62 -4.07 17.27
C THR A 333 4.09 -5.52 17.08
N GLU A 334 2.82 -5.69 16.65
CA GLU A 334 2.34 -7.05 16.38
C GLU A 334 3.10 -7.66 15.25
N TRP A 335 3.36 -6.88 14.18
CA TRP A 335 4.16 -7.42 13.05
C TRP A 335 5.51 -7.95 13.55
N ALA A 336 6.20 -7.16 14.38
CA ALA A 336 7.52 -7.60 14.95
C ALA A 336 7.42 -8.86 15.85
N ARG A 337 6.26 -9.10 16.47
CA ARG A 337 6.06 -10.39 17.19
C ARG A 337 6.00 -11.55 16.18
N PHE A 338 5.33 -11.34 15.02
CA PHE A 338 5.24 -12.34 13.99
C PHE A 338 6.60 -12.56 13.31
N SER A 339 7.21 -11.47 12.87
CA SER A 339 8.43 -11.59 12.15
C SER A 339 9.47 -10.79 12.95
N ASN A 340 10.16 -11.48 13.84
CA ASN A 340 11.02 -10.84 14.85
C ASN A 340 12.45 -10.73 14.32
N THR A 341 12.70 -9.75 13.47
CA THR A 341 13.90 -9.74 12.59
C THR A 341 14.55 -8.40 12.70
N ARG A 342 15.73 -8.23 12.07
CA ARG A 342 16.38 -6.90 11.96
C ARG A 342 15.44 -5.86 11.30
N LEU A 343 14.83 -6.25 10.16
CA LEU A 343 13.95 -5.33 9.44
C LEU A 343 12.84 -4.85 10.39
N SER A 344 12.22 -5.74 11.18
CA SER A 344 11.17 -5.27 12.07
C SER A 344 11.68 -4.29 13.13
N GLN A 345 12.93 -4.49 13.56
CA GLN A 345 13.53 -3.59 14.56
C GLN A 345 13.87 -2.24 14.00
N THR A 346 14.47 -2.25 12.82
CA THR A 346 14.79 -1.07 12.03
C THR A 346 13.52 -0.23 11.80
N MET A 347 12.43 -0.89 11.44
CA MET A 347 11.20 -0.13 11.18
C MET A 347 10.70 0.49 12.45
N LEU A 348 10.66 -0.27 13.55
CA LEU A 348 10.22 0.39 14.81
C LEU A 348 11.20 1.49 15.31
N GLY A 349 12.50 1.35 14.96
CA GLY A 349 13.50 2.37 15.39
C GLY A 349 13.21 3.67 14.67
N HIS A 350 12.96 3.58 13.36
CA HIS A 350 12.57 4.76 12.64
C HIS A 350 11.29 5.45 13.14
N VAL A 351 10.27 4.68 13.52
CA VAL A 351 9.08 5.32 14.10
C VAL A 351 9.45 6.14 15.34
N GLY A 352 10.24 5.57 16.26
CA GLY A 352 10.67 6.29 17.47
C GLY A 352 11.52 7.52 17.17
N LEU A 353 12.46 7.40 16.25
CA LEU A 353 13.25 8.53 15.83
C LEU A 353 12.41 9.57 15.11
N ASN A 354 11.52 9.14 14.20
CA ASN A 354 10.75 10.15 13.44
C ASN A 354 9.76 10.84 14.35
N LYS A 355 9.19 10.06 15.26
CA LYS A 355 8.28 10.67 16.20
C LYS A 355 9.01 11.74 17.09
N ALA A 356 10.24 11.45 17.53
CA ALA A 356 11.05 12.45 18.29
C ALA A 356 11.36 13.69 17.42
N SER A 357 11.69 13.52 16.14
CA SER A 357 11.87 14.67 15.26
C SER A 357 10.64 15.59 15.19
N TRP A 358 9.43 15.04 15.07
CA TRP A 358 8.19 15.86 15.07
C TRP A 358 7.95 16.60 16.39
N LYS A 359 8.26 15.94 17.50
CA LYS A 359 8.17 16.58 18.83
C LYS A 359 9.17 17.73 18.88
N GLY A 360 10.38 17.46 18.38
CA GLY A 360 11.47 18.43 18.27
C GLY A 360 11.06 19.68 17.54
N LEU A 361 10.33 19.54 16.43
CA LEU A 361 9.81 20.69 15.68
C LEU A 361 8.59 21.34 16.36
N GLN A 362 8.20 20.86 17.54
CA GLN A 362 7.34 21.70 18.41
C GLN A 362 8.19 22.54 19.39
N ARG A 363 7.68 22.84 20.58
CA ARG A 363 8.19 24.06 21.26
C ARG A 363 8.86 23.74 22.62
ZN ZN B . -2.58 3.21 0.19
MG MG C . -6.34 3.08 0.38
C1 32V D . -1.41 9.61 8.22
C2 32V D . -2.04 7.55 6.52
N1 32V D . -0.77 8.18 6.40
N2 32V D . -3.01 7.96 7.45
C3 32V D . -2.67 9.03 8.30
C4 32V D . -0.44 9.18 7.27
S1 32V D . -1.28 10.92 9.38
C5 32V D . -3.47 9.56 9.29
C6 32V D . -2.85 10.61 9.97
N3 32V D . -2.35 6.49 5.62
C7 32V D . -4.86 9.04 9.59
C8 32V D . -6.01 8.65 9.88
O1 32V D . 0.78 9.74 7.14
C9 32V D . 0.18 7.68 5.40
C10 32V D . -3.73 5.95 5.66
C11 32V D . -4.60 6.69 4.69
C12 32V D . -3.77 4.51 5.23
C13 32V D . 0.91 6.50 5.97
C14 32V D . -5.14 4.35 4.63
C15 32V D . -5.76 5.71 4.55
#